data_6IBZ
#
_entry.id   6IBZ
#
_cell.length_a   103.046
_cell.length_b   103.046
_cell.length_c   253.938
_cell.angle_alpha   90.000
_cell.angle_beta   90.000
_cell.angle_gamma   120.000
#
_symmetry.space_group_name_H-M   'P 65 2 2'
#
loop_
_entity.id
_entity.type
_entity.pdbx_description
1 polymer '6-phosphofructo-2-kinase/fructose-2,6-bisphosphatase 3'
2 non-polymer 'PHOSPHATE ION'
3 non-polymer 'CITRATE ANION'
4 non-polymer 2-[[8-(1-methylindol-6-yl)quinoxalin-6-yl]amino]-~{N}-(pyrimidin-5-ylmethyl)benzenesulfonamide
5 non-polymer 6-O-phosphono-beta-D-fructofuranose
6 water water
#
_entity_poly.entity_id   1
_entity_poly.type   'polypeptide(L)'
_entity_poly.pdbx_seq_one_letter_code
;ELTQSRVQKIWVPVDHNSPTVIVMVGLPARGKTYISKKLTRYLNWIGVPTKVFNVGEYRREAVKQYSSYNFFRPDNEEAM
KVRKQCALAALRDVKSYLAKEGGQIAVFDATNTTRERRHMILHFAKENDFKAFFIESVCDDPTVVASNIMEVKISSPDYK
DCNSAEAMDDFMKRISCYEASYQPLDPDKCDRDLSLIKVIDVGRRFLVNRVQDHIQSRIVYYLMNIHVQPRTIYLCRHGE
NEHNLQGRIGGDSGLSSRGKKFASALSKFVEEQNLKDLRVWTSQLKSTIQTAEALRLPYEQWKALNEIDAGVCEELTYEE
IRDTYPEEYALREQDKYYYRYPTGESYQDLVQRLEPVIMELERQENVLVICHQAVLRCLLAYFLDKSAEEMPYLKCPLHT
VLKLTPVAYGCRVESIYLNVESVCTHRERSE
;
_entity_poly.pdbx_strand_id   A
#
# COMPACT_ATOMS: atom_id res chain seq x y z
N GLU A 1 0.76 -2.77 40.09
CA GLU A 1 -0.58 -2.15 40.31
C GLU A 1 -1.07 -1.45 39.03
N LEU A 2 -1.89 -2.18 38.26
CA LEU A 2 -2.16 -1.84 36.85
C LEU A 2 -3.63 -1.70 36.52
N THR A 3 -3.93 -0.90 35.50
CA THR A 3 -5.30 -0.80 34.98
C THR A 3 -5.42 -1.05 33.44
N GLN A 4 -6.48 -1.73 33.03
CA GLN A 4 -6.71 -2.03 31.63
C GLN A 4 -7.42 -0.90 30.83
N SER A 5 -6.79 -0.40 29.78
CA SER A 5 -7.43 0.62 28.97
C SER A 5 -8.70 0.06 28.34
N ARG A 6 -9.70 0.91 28.18
CA ARG A 6 -11.04 0.49 27.76
C ARG A 6 -11.15 0.09 26.26
N VAL A 7 -10.49 0.85 25.38
CA VAL A 7 -10.56 0.59 23.94
C VAL A 7 -9.68 -0.61 23.56
N GLN A 8 -8.36 -0.47 23.74
CA GLN A 8 -7.39 -1.50 23.28
C GLN A 8 -7.15 -2.66 24.26
N LYS A 9 -7.64 -2.56 25.50
CA LYS A 9 -7.42 -3.64 26.46
C LYS A 9 -5.94 -3.80 26.82
N ILE A 10 -5.20 -2.69 26.82
CA ILE A 10 -3.77 -2.63 27.21
C ILE A 10 -3.62 -2.25 28.70
N TRP A 11 -2.90 -3.10 29.43
CA TRP A 11 -2.63 -2.88 30.85
C TRP A 11 -1.55 -1.81 31.01
N VAL A 12 -1.88 -0.75 31.71
CA VAL A 12 -0.92 0.32 31.94
C VAL A 12 -0.82 0.63 33.42
N PRO A 13 0.36 1.14 33.84
CA PRO A 13 0.53 1.62 35.22
C PRO A 13 -0.53 2.66 35.57
N VAL A 14 -1.16 2.53 36.74
CA VAL A 14 -2.12 3.53 37.26
C VAL A 14 -1.60 4.99 37.27
N ASP A 15 -2.53 5.95 37.19
CA ASP A 15 -2.20 7.38 36.93
C ASP A 15 -1.77 8.24 38.16
N HIS A 16 -1.41 7.61 39.30
CA HIS A 16 -1.04 8.37 40.51
C HIS A 16 0.31 9.07 40.33
N ASN A 17 13.36 5.70 18.70
CA ASN A 17 13.86 5.29 17.39
C ASN A 17 13.82 6.43 16.37
N SER A 18 14.91 6.61 15.64
CA SER A 18 15.09 7.83 14.85
C SER A 18 14.34 7.81 13.50
N PRO A 19 13.70 8.94 13.14
CA PRO A 19 12.99 9.05 11.86
C PRO A 19 13.91 8.97 10.70
N THR A 20 13.38 8.59 9.56
CA THR A 20 14.23 8.30 8.44
C THR A 20 13.81 9.08 7.22
N VAL A 21 14.79 9.67 6.53
CA VAL A 21 14.58 10.19 5.17
C VAL A 21 15.03 9.14 4.17
N ILE A 22 14.10 8.67 3.36
CA ILE A 22 14.39 7.83 2.19
C ILE A 22 14.63 8.74 1.00
N VAL A 23 15.81 8.66 0.43
CA VAL A 23 16.16 9.52 -0.67
C VAL A 23 16.11 8.72 -1.96
N MET A 24 15.17 9.04 -2.85
CA MET A 24 15.12 8.33 -4.14
C MET A 24 16.23 8.88 -5.01
N VAL A 25 16.82 8.03 -5.84
CA VAL A 25 17.90 8.45 -6.71
C VAL A 25 17.71 7.87 -8.10
N GLY A 26 17.90 8.69 -9.13
CA GLY A 26 17.92 8.17 -10.50
C GLY A 26 17.46 9.10 -11.60
N LEU A 27 17.78 8.73 -12.83
CA LEU A 27 17.34 9.48 -13.99
C LEU A 27 15.83 9.48 -14.02
N PRO A 28 15.22 10.40 -14.78
CA PRO A 28 13.77 10.39 -14.87
C PRO A 28 13.25 9.18 -15.60
N ALA A 29 11.99 8.82 -15.31
CA ALA A 29 11.33 7.61 -15.82
C ALA A 29 12.10 6.36 -15.47
N ARG A 30 12.55 6.26 -14.21
CA ARG A 30 13.16 5.04 -13.70
C ARG A 30 12.32 4.42 -12.57
N GLY A 31 11.06 4.82 -12.48
CA GLY A 31 10.17 4.24 -11.49
C GLY A 31 10.31 4.76 -10.06
N LYS A 32 11.07 5.84 -9.86
CA LYS A 32 11.27 6.36 -8.52
C LYS A 32 9.94 6.66 -7.84
N THR A 33 9.03 7.27 -8.59
CA THR A 33 7.74 7.69 -8.02
C THR A 33 6.80 6.49 -7.83
N TYR A 34 6.86 5.52 -8.76
CA TYR A 34 6.17 4.24 -8.62
C TYR A 34 6.55 3.59 -7.29
N ILE A 35 7.85 3.45 -7.06
CA ILE A 35 8.35 2.89 -5.82
C ILE A 35 8.05 3.75 -4.60
N SER A 36 8.17 5.06 -4.72
CA SER A 36 7.86 5.93 -3.60
C SER A 36 6.43 5.70 -3.09
N LYS A 37 5.48 5.58 -4.02
CA LYS A 37 4.04 5.49 -3.68
C LYS A 37 3.66 4.14 -3.14
N LYS A 38 4.22 3.10 -3.71
CA LYS A 38 3.98 1.75 -3.24
C LYS A 38 4.57 1.50 -1.81
N LEU A 39 5.84 1.82 -1.62
CA LEU A 39 6.46 1.81 -0.30
C LEU A 39 5.63 2.55 0.71
N THR A 40 5.22 3.76 0.35
CA THR A 40 4.49 4.57 1.29
C THR A 40 3.15 3.91 1.65
N ARG A 41 2.56 3.23 0.68
CA ARG A 41 1.28 2.56 0.87
C ARG A 41 1.44 1.39 1.84
N TYR A 42 2.49 0.59 1.63
CA TYR A 42 2.79 -0.57 2.45
C TYR A 42 3.08 -0.11 3.89
N LEU A 43 3.99 0.86 4.01
CA LEU A 43 4.43 1.36 5.32
C LEU A 43 3.26 1.94 6.10
N ASN A 44 2.45 2.77 5.47
CA ASN A 44 1.34 3.36 6.23
C ASN A 44 0.42 2.26 6.68
N TRP A 45 0.15 1.28 5.83
CA TRP A 45 -0.79 0.20 6.19
C TRP A 45 -0.29 -0.67 7.35
N ILE A 46 1.02 -0.97 7.43
CA ILE A 46 1.56 -1.68 8.59
C ILE A 46 1.74 -0.76 9.77
N GLY A 47 1.27 0.48 9.66
CA GLY A 47 1.31 1.41 10.79
C GLY A 47 2.60 2.18 11.02
N VAL A 48 3.49 2.26 10.03
CA VAL A 48 4.60 3.23 10.06
C VAL A 48 4.19 4.52 9.29
N PRO A 49 3.92 5.63 10.01
CA PRO A 49 3.45 6.83 9.27
C PRO A 49 4.47 7.41 8.27
N THR A 50 4.06 7.46 7.01
CA THR A 50 4.98 7.76 5.94
C THR A 50 4.34 8.69 4.94
N LYS A 51 5.17 9.55 4.35
CA LYS A 51 4.68 10.53 3.42
C LYS A 51 5.69 10.82 2.34
N VAL A 52 5.16 11.05 1.14
CA VAL A 52 6.01 11.39 -0.02
C VAL A 52 6.14 12.90 -0.24
N PHE A 53 7.35 13.34 -0.51
CA PHE A 53 7.64 14.73 -0.82
C PHE A 53 8.30 14.67 -2.19
N ASN A 54 7.44 14.82 -3.19
CA ASN A 54 7.82 14.89 -4.59
C ASN A 54 8.21 16.33 -4.99
N VAL A 55 9.49 16.54 -5.24
CA VAL A 55 10.02 17.88 -5.57
C VAL A 55 9.39 18.42 -6.87
N GLY A 56 9.15 17.53 -7.81
CA GLY A 56 8.43 17.88 -9.00
C GLY A 56 7.17 18.70 -8.74
N GLU A 57 6.47 18.35 -7.67
CA GLU A 57 5.19 18.99 -7.37
C GLU A 57 5.41 20.35 -6.79
N TYR A 58 6.51 20.55 -6.09
CA TYR A 58 6.81 21.88 -5.61
C TYR A 58 7.14 22.78 -6.83
N ARG A 59 7.92 22.25 -7.75
CA ARG A 59 8.25 22.97 -8.96
C ARG A 59 6.99 23.33 -9.73
N ARG A 60 6.08 22.39 -9.91
CA ARG A 60 4.84 22.66 -10.67
C ARG A 60 4.02 23.78 -10.05
N GLU A 61 4.12 23.93 -8.74
CA GLU A 61 3.31 24.89 -8.01
C GLU A 61 4.01 26.28 -7.99
N ALA A 62 5.33 26.30 -8.17
CA ALA A 62 6.10 27.52 -8.08
C ALA A 62 6.30 28.20 -9.43
N VAL A 63 6.07 27.50 -10.53
CA VAL A 63 6.15 28.13 -11.83
C VAL A 63 4.95 27.82 -12.67
N LYS A 64 4.66 28.75 -13.57
CA LYS A 64 3.60 28.62 -14.53
C LYS A 64 3.70 27.32 -15.34
N GLN A 65 2.63 27.03 -16.06
CA GLN A 65 2.60 25.87 -16.92
C GLN A 65 3.98 25.59 -17.48
N TYR A 66 4.34 24.31 -17.50
CA TYR A 66 5.50 23.80 -18.19
C TYR A 66 5.30 23.95 -19.68
N SER A 67 6.38 24.31 -20.38
CA SER A 67 6.33 24.42 -21.84
C SER A 67 7.30 23.46 -22.49
N SER A 68 8.51 23.31 -21.95
CA SER A 68 9.45 22.33 -22.53
C SER A 68 10.63 21.95 -21.68
N TYR A 69 11.38 20.98 -22.18
CA TYR A 69 12.59 20.51 -21.52
C TYR A 69 13.68 21.57 -21.32
N ASN A 70 13.57 22.70 -22.01
CA ASN A 70 14.58 23.75 -21.90
C ASN A 70 14.65 24.19 -20.45
N PHE A 71 13.56 24.00 -19.72
CA PHE A 71 13.52 24.30 -18.31
C PHE A 71 14.55 23.46 -17.54
N PHE A 72 14.86 22.26 -18.04
CA PHE A 72 15.74 21.35 -17.30
C PHE A 72 17.19 21.40 -17.78
N ARG A 73 17.52 22.39 -18.60
CA ARG A 73 18.86 22.46 -19.15
C ARG A 73 19.88 22.79 -18.07
N PRO A 74 21.01 22.09 -18.10
CA PRO A 74 22.04 22.43 -17.10
C PRO A 74 22.50 23.90 -17.16
N ASP A 75 22.46 24.53 -18.35
CA ASP A 75 22.88 25.95 -18.49
C ASP A 75 21.82 26.97 -18.04
N ASN A 76 20.61 26.51 -17.73
CA ASN A 76 19.47 27.37 -17.36
C ASN A 76 19.65 27.91 -15.95
N GLU A 77 20.50 28.91 -15.80
CA GLU A 77 20.87 29.43 -14.49
C GLU A 77 19.64 29.65 -13.60
N GLU A 78 18.55 30.15 -14.18
CA GLU A 78 17.39 30.51 -13.39
C GLU A 78 16.43 29.34 -13.01
N ALA A 79 16.25 28.39 -13.92
CA ALA A 79 15.47 27.23 -13.60
C ALA A 79 16.22 26.45 -12.49
N MET A 80 17.56 26.46 -12.57
CA MET A 80 18.39 25.83 -11.56
C MET A 80 18.19 26.41 -10.20
N LYS A 81 18.08 27.74 -10.08
CA LYS A 81 17.82 28.38 -8.76
C LYS A 81 16.46 28.00 -8.22
N VAL A 82 15.49 27.90 -9.12
CA VAL A 82 14.13 27.59 -8.76
C VAL A 82 14.04 26.14 -8.27
N ARG A 83 14.75 25.26 -8.95
CA ARG A 83 14.77 23.85 -8.60
C ARG A 83 15.42 23.62 -7.23
N LYS A 84 16.57 24.22 -7.02
CA LYS A 84 17.23 24.20 -5.72
C LYS A 84 16.32 24.75 -4.61
N GLN A 85 15.59 25.82 -4.90
CA GLN A 85 14.67 26.38 -3.91
C GLN A 85 13.52 25.42 -3.61
N CYS A 86 13.10 24.68 -4.62
CA CYS A 86 11.98 23.76 -4.49
C CYS A 86 12.42 22.57 -3.62
N ALA A 87 13.61 22.05 -3.88
CA ALA A 87 14.20 21.04 -3.02
C ALA A 87 14.25 21.48 -1.58
N LEU A 88 14.79 22.67 -1.30
CA LEU A 88 14.90 23.16 0.07
C LEU A 88 13.54 23.35 0.75
N ALA A 89 12.54 23.77 0.00
CA ALA A 89 11.18 23.91 0.53
C ALA A 89 10.56 22.53 0.89
N ALA A 90 10.84 21.52 0.08
CA ALA A 90 10.44 20.18 0.36
C ALA A 90 11.14 19.65 1.62
N LEU A 91 12.44 19.88 1.74
CA LEU A 91 13.14 19.51 2.98
C LEU A 91 12.59 20.20 4.23
N ARG A 92 12.19 21.45 4.11
CA ARG A 92 11.67 22.17 5.24
C ARG A 92 10.35 21.50 5.69
N ASP A 93 9.57 21.02 4.73
CA ASP A 93 8.37 20.27 5.04
C ASP A 93 8.68 18.88 5.60
N VAL A 94 9.80 18.29 5.17
CA VAL A 94 10.27 16.99 5.66
C VAL A 94 10.65 17.11 7.12
N LYS A 95 11.43 18.13 7.46
CA LYS A 95 11.74 18.48 8.85
C LYS A 95 10.49 18.58 9.69
N SER A 96 9.52 19.30 9.16
CA SER A 96 8.35 19.61 9.91
C SER A 96 7.46 18.36 10.12
N TYR A 97 7.47 17.44 9.16
CA TYR A 97 6.65 16.20 9.20
C TYR A 97 7.25 15.23 10.21
N LEU A 98 8.55 15.01 10.11
CA LEU A 98 9.26 14.09 10.95
C LEU A 98 9.47 14.57 12.39
N ALA A 99 9.70 15.86 12.59
CA ALA A 99 10.04 16.37 13.93
C ALA A 99 8.84 16.89 14.73
N LYS A 100 7.77 17.29 14.07
CA LYS A 100 6.68 17.98 14.75
C LYS A 100 5.34 17.39 14.44
N GLU A 101 5.22 16.63 13.36
CA GLU A 101 3.92 16.12 12.98
C GLU A 101 3.76 14.63 13.32
N GLY A 102 4.76 14.01 13.95
CA GLY A 102 4.72 12.57 14.22
C GLY A 102 4.91 11.61 13.04
N GLY A 103 5.42 12.11 11.93
CA GLY A 103 5.78 11.25 10.81
C GLY A 103 7.04 10.48 11.18
N GLN A 104 7.16 9.27 10.64
CA GLN A 104 8.30 8.41 10.89
C GLN A 104 9.23 8.30 9.69
N ILE A 105 8.64 8.28 8.50
CA ILE A 105 9.42 8.11 7.26
C ILE A 105 8.99 9.11 6.22
N ALA A 106 9.97 9.79 5.65
CA ALA A 106 9.71 10.78 4.62
C ALA A 106 10.42 10.35 3.39
N VAL A 107 9.70 10.13 2.29
CA VAL A 107 10.33 9.74 1.01
C VAL A 107 10.59 11.00 0.16
N PHE A 108 11.87 11.30 -0.09
CA PHE A 108 12.27 12.49 -0.86
C PHE A 108 12.37 11.99 -2.26
N ASP A 109 11.35 12.28 -3.04
CA ASP A 109 11.23 11.72 -4.36
C ASP A 109 11.64 12.77 -5.38
N ALA A 110 12.87 12.62 -5.84
CA ALA A 110 13.45 13.48 -6.86
C ALA A 110 14.58 12.70 -7.51
N THR A 111 15.20 13.27 -8.53
CA THR A 111 16.31 12.63 -9.23
C THR A 111 17.55 12.46 -8.36
N ASN A 112 17.88 13.49 -7.59
CA ASN A 112 19.02 13.50 -6.69
C ASN A 112 20.24 12.78 -7.28
N THR A 113 20.54 13.09 -8.54
CA THR A 113 21.58 12.41 -9.31
C THR A 113 23.05 12.85 -9.14
N THR A 114 23.27 13.93 -8.37
CA THR A 114 24.61 14.49 -8.15
C THR A 114 25.08 14.26 -6.72
N ARG A 115 26.39 14.01 -6.57
CA ARG A 115 26.98 13.88 -5.26
C ARG A 115 26.71 15.12 -4.44
N GLU A 116 26.67 16.27 -5.10
CA GLU A 116 26.55 17.50 -4.34
C GLU A 116 25.16 17.61 -3.72
N ARG A 117 24.10 17.31 -4.48
CA ARG A 117 22.77 17.34 -3.92
C ARG A 117 22.61 16.32 -2.76
N ARG A 118 23.13 15.10 -2.93
CA ARG A 118 23.01 14.08 -1.90
C ARG A 118 23.77 14.46 -0.64
N HIS A 119 24.94 15.06 -0.83
CA HIS A 119 25.70 15.63 0.28
C HIS A 119 24.85 16.64 1.06
N MET A 120 24.14 17.53 0.38
CA MET A 120 23.32 18.49 1.11
C MET A 120 22.25 17.79 1.95
N ILE A 121 21.65 16.72 1.40
CA ILE A 121 20.56 16.02 2.11
C ILE A 121 21.11 15.26 3.30
N LEU A 122 22.30 14.67 3.14
CA LEU A 122 23.02 14.11 4.28
C LEU A 122 23.23 15.16 5.36
N HIS A 123 23.73 16.32 4.97
CA HIS A 123 23.97 17.37 5.95
C HIS A 123 22.65 17.67 6.63
N PHE A 124 21.56 17.82 5.87
CA PHE A 124 20.26 18.06 6.44
C PHE A 124 19.81 17.00 7.44
N ALA A 125 20.07 15.73 7.12
CA ALA A 125 19.69 14.63 8.00
C ALA A 125 20.51 14.65 9.28
N LYS A 126 21.83 14.73 9.12
CA LYS A 126 22.77 14.77 10.25
C LYS A 126 22.34 15.78 11.30
N GLU A 127 22.16 17.03 10.91
CA GLU A 127 21.85 18.05 11.86
C GLU A 127 20.39 18.08 12.34
N ASN A 128 19.54 17.19 11.83
CA ASN A 128 18.21 17.01 12.44
C ASN A 128 18.04 15.70 13.19
N ASP A 129 19.10 14.89 13.22
CA ASP A 129 19.06 13.54 13.77
C ASP A 129 18.08 12.60 13.07
N PHE A 130 18.09 12.66 11.74
CA PHE A 130 17.31 11.76 10.92
C PHE A 130 18.26 10.76 10.32
N LYS A 131 17.84 9.51 10.19
CA LYS A 131 18.64 8.59 9.39
C LYS A 131 18.37 8.91 7.93
N ALA A 132 19.32 8.54 7.10
CA ALA A 132 19.20 8.68 5.66
C ALA A 132 19.42 7.32 4.99
N PHE A 133 18.47 6.92 4.13
CA PHE A 133 18.55 5.65 3.41
C PHE A 133 18.28 5.94 1.93
N PHE A 134 19.19 5.52 1.07
CA PHE A 134 19.12 5.83 -0.35
C PHE A 134 18.62 4.64 -1.15
N ILE A 135 17.71 4.88 -2.09
CA ILE A 135 17.21 3.87 -3.02
C ILE A 135 17.40 4.37 -4.47
N GLU A 136 18.24 3.71 -5.25
CA GLU A 136 18.55 4.17 -6.61
C GLU A 136 17.99 3.18 -7.59
N SER A 137 17.23 3.65 -8.57
CA SER A 137 16.73 2.80 -9.63
C SER A 137 17.54 3.09 -10.88
N VAL A 138 18.12 2.03 -11.46
CA VAL A 138 19.03 2.15 -12.62
C VAL A 138 18.45 1.28 -13.69
N CYS A 139 18.27 1.83 -14.88
CA CYS A 139 17.73 1.06 -16.00
C CYS A 139 18.14 1.64 -17.34
N ASP A 140 18.77 0.80 -18.15
CA ASP A 140 19.29 1.18 -19.47
C ASP A 140 18.51 0.54 -20.60
N ASP A 141 17.36 -0.06 -20.30
CA ASP A 141 16.55 -0.67 -21.35
C ASP A 141 15.57 0.36 -21.94
N PRO A 142 15.83 0.82 -23.17
CA PRO A 142 14.98 1.87 -23.78
C PRO A 142 13.49 1.50 -23.90
N THR A 143 13.21 0.21 -23.98
CA THR A 143 11.85 -0.28 -24.03
C THR A 143 11.13 -0.02 -22.72
N VAL A 144 11.84 -0.15 -21.61
CA VAL A 144 11.23 0.07 -20.32
C VAL A 144 11.02 1.57 -20.13
N VAL A 145 12.08 2.33 -20.32
CA VAL A 145 11.94 3.80 -20.26
C VAL A 145 10.75 4.29 -21.11
N ALA A 146 10.71 3.90 -22.39
CA ALA A 146 9.62 4.31 -23.28
C ALA A 146 8.25 4.00 -22.66
N SER A 147 8.12 2.78 -22.18
CA SER A 147 6.88 2.32 -21.67
C SER A 147 6.43 3.16 -20.45
N ASN A 148 7.36 3.51 -19.59
CA ASN A 148 7.03 4.37 -18.45
C ASN A 148 6.53 5.72 -18.88
N ILE A 149 7.20 6.28 -19.90
CA ILE A 149 6.85 7.57 -20.40
C ILE A 149 5.42 7.57 -20.92
N MET A 150 5.10 6.58 -21.75
CA MET A 150 3.71 6.43 -22.25
C MET A 150 2.69 6.25 -21.10
N GLU A 151 3.02 5.47 -20.07
CA GLU A 151 2.00 5.10 -19.09
C GLU A 151 1.73 6.23 -18.11
N VAL A 152 2.72 7.05 -17.74
CA VAL A 152 2.45 8.08 -16.73
C VAL A 152 2.99 9.48 -16.97
N LYS A 153 3.99 9.64 -17.84
CA LYS A 153 4.55 10.98 -18.07
C LYS A 153 3.65 11.82 -18.97
N ILE A 154 3.28 11.28 -20.13
CA ILE A 154 2.53 12.07 -21.11
C ILE A 154 1.14 12.48 -20.63
N SER A 155 0.53 11.69 -19.76
CA SER A 155 -0.78 12.04 -19.19
C SER A 155 -0.63 13.03 -18.02
N SER A 156 0.60 13.36 -17.65
CA SER A 156 0.81 14.25 -16.51
C SER A 156 0.48 15.70 -16.90
N PRO A 157 0.29 16.56 -15.89
CA PRO A 157 -0.13 17.97 -16.11
C PRO A 157 0.89 18.84 -16.89
N ASP A 158 2.18 18.51 -16.79
CA ASP A 158 3.22 19.15 -17.57
C ASP A 158 2.90 19.09 -19.08
N TYR A 159 2.37 17.96 -19.51
CA TYR A 159 2.14 17.68 -20.92
C TYR A 159 0.65 17.85 -21.33
N LYS A 160 -0.06 18.70 -20.58
CA LYS A 160 -1.46 18.99 -20.87
C LYS A 160 -1.69 19.43 -22.32
N ASP A 161 -0.89 20.38 -22.79
CA ASP A 161 -1.10 20.99 -24.10
C ASP A 161 -0.31 20.30 -25.22
N CYS A 162 0.26 19.13 -24.95
CA CYS A 162 1.04 18.38 -25.93
C CYS A 162 0.27 17.09 -26.29
N ASN A 163 0.49 16.59 -27.49
CA ASN A 163 0.06 15.25 -27.88
C ASN A 163 1.13 14.22 -27.59
N SER A 164 0.78 12.96 -27.75
CA SER A 164 1.65 11.82 -27.44
C SER A 164 3.08 11.98 -27.95
N ALA A 165 3.19 12.08 -29.27
CA ALA A 165 4.49 12.05 -29.93
C ALA A 165 5.39 13.21 -29.49
N GLU A 166 4.82 14.40 -29.35
CA GLU A 166 5.65 15.56 -29.00
C GLU A 166 6.03 15.58 -27.50
N ALA A 167 5.22 14.93 -26.65
CA ALA A 167 5.53 14.80 -25.22
C ALA A 167 6.60 13.75 -24.94
N MET A 168 6.50 12.60 -25.61
CA MET A 168 7.52 11.58 -25.59
C MET A 168 8.84 12.20 -26.00
N ASP A 169 8.78 13.04 -27.03
CA ASP A 169 9.95 13.70 -27.56
C ASP A 169 10.52 14.67 -26.55
N ASP A 170 9.66 15.51 -26.00
CA ASP A 170 10.13 16.43 -24.99
C ASP A 170 10.77 15.67 -23.80
N PHE A 171 10.25 14.47 -23.49
CA PHE A 171 10.70 13.79 -22.29
C PHE A 171 12.07 13.15 -22.53
N MET A 172 12.28 12.61 -23.72
CA MET A 172 13.57 12.00 -24.01
C MET A 172 14.71 13.05 -23.93
N LYS A 173 14.41 14.28 -24.30
CA LYS A 173 15.44 15.31 -24.24
C LYS A 173 15.66 15.75 -22.82
N ARG A 174 14.58 15.82 -22.08
CA ARG A 174 14.62 16.14 -20.66
C ARG A 174 15.51 15.15 -19.91
N ILE A 175 15.40 13.88 -20.25
CA ILE A 175 16.24 12.88 -19.65
C ILE A 175 17.71 13.19 -19.92
N SER A 176 18.02 13.42 -21.19
CA SER A 176 19.40 13.69 -21.61
C SER A 176 20.01 14.90 -20.91
N CYS A 177 19.18 15.85 -20.46
CA CYS A 177 19.66 16.98 -19.65
C CYS A 177 20.35 16.54 -18.37
N TYR A 178 19.95 15.39 -17.84
CA TYR A 178 20.51 14.92 -16.56
C TYR A 178 21.73 14.03 -16.76
N GLU A 179 21.95 13.56 -17.97
CA GLU A 179 22.94 12.50 -18.17
C GLU A 179 24.36 12.89 -17.80
N ALA A 180 24.77 14.08 -18.19
CA ALA A 180 26.18 14.42 -18.08
C ALA A 180 26.62 14.57 -16.61
N SER A 181 25.75 15.00 -15.72
CA SER A 181 26.18 15.19 -14.31
C SER A 181 25.74 14.07 -13.36
N TYR A 182 25.20 13.00 -13.92
CA TYR A 182 24.70 11.89 -13.13
C TYR A 182 25.85 11.07 -12.53
N GLN A 183 25.93 11.07 -11.20
CA GLN A 183 26.95 10.28 -10.51
C GLN A 183 26.22 9.18 -9.72
N PRO A 184 26.16 7.97 -10.29
CA PRO A 184 25.46 6.88 -9.58
C PRO A 184 26.03 6.65 -8.20
N LEU A 185 25.21 6.05 -7.31
CA LEU A 185 25.71 5.61 -6.02
C LEU A 185 26.88 4.65 -6.25
N ASP A 186 27.92 4.87 -5.47
CA ASP A 186 29.09 4.01 -5.52
C ASP A 186 29.40 3.37 -4.16
N PRO A 187 28.74 2.24 -3.85
CA PRO A 187 29.00 1.61 -2.55
C PRO A 187 30.44 1.08 -2.41
N ASP A 188 31.06 0.70 -3.53
CA ASP A 188 32.47 0.24 -3.57
C ASP A 188 33.44 1.22 -2.97
N LYS A 189 33.18 2.51 -3.15
CA LYS A 189 34.19 3.51 -2.88
C LYS A 189 33.60 4.72 -2.19
N CYS A 190 33.15 5.70 -2.95
CA CYS A 190 32.80 6.99 -2.35
C CYS A 190 31.58 6.89 -1.43
N ASP A 191 30.68 5.94 -1.68
CA ASP A 191 29.50 5.83 -0.83
C ASP A 191 29.53 4.63 0.12
N ARG A 192 30.73 4.13 0.43
CA ARG A 192 30.85 2.87 1.15
C ARG A 192 30.21 2.97 2.53
N ASP A 193 30.06 4.19 3.05
CA ASP A 193 29.51 4.38 4.38
C ASP A 193 28.01 4.66 4.40
N LEU A 194 27.36 4.72 3.24
CA LEU A 194 25.96 5.07 3.23
C LEU A 194 25.11 3.83 3.30
N SER A 195 23.92 3.99 3.84
CA SER A 195 22.95 2.92 3.79
C SER A 195 22.11 3.12 2.53
N LEU A 196 22.09 2.10 1.68
CA LEU A 196 21.45 2.21 0.40
C LEU A 196 21.08 0.88 -0.20
N ILE A 197 20.23 0.95 -1.18
CA ILE A 197 19.98 -0.15 -2.05
C ILE A 197 19.98 0.39 -3.47
N LYS A 198 20.73 -0.26 -4.35
CA LYS A 198 20.77 0.14 -5.73
C LYS A 198 20.08 -0.99 -6.47
N VAL A 199 18.98 -0.67 -7.15
CA VAL A 199 18.17 -1.62 -7.88
C VAL A 199 18.48 -1.56 -9.37
N ILE A 200 18.74 -2.71 -9.94
CA ILE A 200 19.14 -2.75 -11.31
C ILE A 200 18.14 -3.55 -12.15
N ASP A 201 17.73 -2.92 -13.25
CA ASP A 201 16.89 -3.55 -14.25
C ASP A 201 15.57 -4.06 -13.69
N VAL A 202 14.83 -3.16 -13.04
CA VAL A 202 13.44 -3.41 -12.64
C VAL A 202 13.36 -4.52 -11.60
N GLY A 203 14.29 -4.51 -10.67
CA GLY A 203 14.32 -5.50 -9.61
C GLY A 203 14.98 -6.82 -9.97
N ARG A 204 15.69 -6.88 -11.10
CA ARG A 204 16.41 -8.10 -11.45
C ARG A 204 17.64 -8.32 -10.52
N ARG A 205 18.17 -7.23 -9.97
CA ARG A 205 19.37 -7.30 -9.19
C ARG A 205 19.45 -6.11 -8.22
N PHE A 206 20.01 -6.36 -7.05
CA PHE A 206 20.11 -5.37 -6.04
C PHE A 206 21.50 -5.39 -5.44
N LEU A 207 21.99 -4.23 -5.06
CA LEU A 207 23.21 -4.10 -4.32
C LEU A 207 22.78 -3.36 -3.05
N VAL A 208 23.07 -3.98 -1.91
CA VAL A 208 22.59 -3.49 -0.64
C VAL A 208 23.75 -3.24 0.27
N ASN A 209 23.78 -2.09 0.91
CA ASN A 209 24.94 -1.68 1.67
C ASN A 209 24.50 -1.05 2.97
N ARG A 210 24.93 -1.65 4.07
CA ARG A 210 24.82 -1.06 5.43
C ARG A 210 23.42 -0.83 5.93
N VAL A 211 22.58 -1.85 5.91
CA VAL A 211 21.27 -1.78 6.54
C VAL A 211 21.41 -1.54 8.06
N GLN A 212 20.82 -0.43 8.53
CA GLN A 212 21.00 0.03 9.91
C GLN A 212 19.91 -0.46 10.87
N ASP A 213 18.73 -0.79 10.37
CA ASP A 213 17.60 -1.01 11.28
C ASP A 213 16.47 -1.81 10.64
N HIS A 214 15.44 -2.13 11.40
CA HIS A 214 14.44 -3.08 10.91
C HIS A 214 13.61 -2.55 9.75
N ILE A 215 13.38 -1.25 9.68
CA ILE A 215 12.55 -0.70 8.60
C ILE A 215 13.26 -0.87 7.26
N GLN A 216 14.54 -0.54 7.24
CA GLN A 216 15.34 -0.66 6.05
C GLN A 216 15.41 -2.09 5.59
N SER A 217 15.53 -2.98 6.54
CA SER A 217 15.58 -4.40 6.25
C SER A 217 14.27 -4.85 5.62
N ARG A 218 13.14 -4.42 6.18
CA ARG A 218 11.82 -4.83 5.66
C ARG A 218 11.54 -4.21 4.28
N ILE A 219 12.05 -3.00 4.08
CA ILE A 219 11.90 -2.32 2.79
C ILE A 219 12.61 -3.15 1.74
N VAL A 220 13.80 -3.62 2.07
CA VAL A 220 14.51 -4.43 1.10
C VAL A 220 13.75 -5.72 0.76
N TYR A 221 13.30 -6.41 1.80
CA TYR A 221 12.52 -7.63 1.62
C TYR A 221 11.28 -7.37 0.73
N TYR A 222 10.59 -6.28 1.00
CA TYR A 222 9.44 -5.86 0.20
C TYR A 222 9.83 -5.60 -1.27
N LEU A 223 10.88 -4.83 -1.48
CA LEU A 223 11.32 -4.57 -2.86
C LEU A 223 11.72 -5.85 -3.55
N MET A 224 12.12 -6.87 -2.80
CA MET A 224 12.49 -8.12 -3.42
C MET A 224 11.32 -9.01 -3.73
N ASN A 225 10.13 -8.65 -3.23
CA ASN A 225 8.94 -9.46 -3.48
C ASN A 225 7.94 -8.87 -4.48
N ILE A 226 8.07 -7.58 -4.78
CA ILE A 226 7.16 -6.94 -5.73
C ILE A 226 7.64 -7.13 -7.17
N HIS A 227 6.71 -7.09 -8.11
CA HIS A 227 7.06 -7.25 -9.51
C HIS A 227 6.09 -6.41 -10.34
N VAL A 228 6.40 -6.25 -11.63
CA VAL A 228 5.66 -5.33 -12.50
C VAL A 228 4.91 -6.05 -13.63
N GLN A 229 4.88 -7.37 -13.57
CA GLN A 229 4.11 -8.18 -14.51
C GLN A 229 2.63 -7.90 -14.35
N PRO A 230 1.88 -7.93 -15.46
CA PRO A 230 0.44 -7.75 -15.34
C PRO A 230 -0.21 -8.96 -14.65
N ARG A 231 -1.26 -8.67 -13.90
CA ARG A 231 -1.94 -9.65 -13.08
C ARG A 231 -3.25 -9.08 -12.53
N THR A 232 -4.04 -9.94 -11.94
CA THR A 232 -5.32 -9.54 -11.40
C THR A 232 -5.50 -10.15 -10.02
N ILE A 233 -6.11 -9.42 -9.12
CA ILE A 233 -6.44 -9.89 -7.79
C ILE A 233 -7.93 -9.79 -7.54
N TYR A 234 -8.56 -10.93 -7.29
CA TYR A 234 -9.99 -11.00 -7.02
C TYR A 234 -10.20 -11.23 -5.54
N LEU A 235 -11.03 -10.42 -4.91
CA LEU A 235 -11.33 -10.58 -3.52
C LEU A 235 -12.82 -10.82 -3.35
N CYS A 236 -13.22 -11.75 -2.48
CA CYS A 236 -14.61 -11.89 -2.12
C CYS A 236 -14.75 -12.59 -0.82
N ARG A 237 -15.98 -12.58 -0.31
CA ARG A 237 -16.30 -13.27 0.90
C ARG A 237 -16.82 -14.66 0.61
N HIS A 238 -16.82 -15.49 1.64
CA HIS A 238 -17.60 -16.70 1.61
C HIS A 238 -19.03 -16.37 1.17
N GLY A 239 -19.66 -17.32 0.48
CA GLY A 239 -21.10 -17.33 0.37
C GLY A 239 -21.74 -17.07 1.72
N GLU A 240 -22.99 -16.67 1.71
CA GLU A 240 -23.77 -16.44 2.91
C GLU A 240 -23.83 -17.71 3.73
N ASN A 241 -23.68 -17.55 5.04
CA ASN A 241 -23.69 -18.65 5.96
C ASN A 241 -24.86 -18.55 6.92
N GLU A 242 -25.08 -19.59 7.72
CA GLU A 242 -26.23 -19.60 8.63
C GLU A 242 -26.15 -18.47 9.67
N HIS A 243 -24.95 -18.12 10.09
CA HIS A 243 -24.80 -17.06 11.08
C HIS A 243 -25.17 -15.70 10.49
N ASN A 244 -24.93 -15.56 9.20
CA ASN A 244 -25.30 -14.34 8.52
C ASN A 244 -26.80 -14.16 8.60
N LEU A 245 -27.53 -15.23 8.28
CA LEU A 245 -28.99 -15.27 8.38
C LEU A 245 -29.51 -14.95 9.75
N GLN A 246 -28.77 -15.24 10.82
CA GLN A 246 -29.26 -14.86 12.15
C GLN A 246 -28.65 -13.59 12.69
N GLY A 247 -27.84 -12.90 11.89
CA GLY A 247 -27.20 -11.66 12.35
C GLY A 247 -26.14 -11.91 13.43
N ARG A 248 -25.58 -13.12 13.45
CA ARG A 248 -24.59 -13.50 14.46
C ARG A 248 -23.17 -13.29 13.95
N ILE A 249 -22.30 -12.74 14.78
CA ILE A 249 -20.93 -12.50 14.38
C ILE A 249 -20.02 -13.65 14.75
N GLY A 250 -18.91 -13.76 14.01
CA GLY A 250 -17.93 -14.80 14.24
C GLY A 250 -18.45 -16.19 13.90
N GLY A 251 -17.92 -17.19 14.61
CA GLY A 251 -18.40 -18.55 14.53
C GLY A 251 -17.79 -19.27 13.35
N ASP A 252 -18.26 -20.47 13.09
CA ASP A 252 -17.69 -21.26 12.03
C ASP A 252 -18.84 -22.03 11.35
N SER A 253 -19.91 -21.32 11.03
CA SER A 253 -21.09 -21.91 10.42
C SER A 253 -20.87 -22.21 8.93
N GLY A 254 -21.72 -23.08 8.38
CA GLY A 254 -21.67 -23.48 6.96
C GLY A 254 -22.55 -22.61 6.05
N LEU A 255 -22.38 -22.76 4.76
CA LEU A 255 -23.17 -21.99 3.80
C LEU A 255 -24.64 -22.32 3.88
N SER A 256 -25.47 -21.26 3.80
CA SER A 256 -26.94 -21.31 3.58
C SER A 256 -27.21 -21.74 2.15
N SER A 257 -28.47 -22.02 1.79
CA SER A 257 -28.73 -22.43 0.38
C SER A 257 -28.38 -21.31 -0.60
N ARG A 258 -28.57 -20.07 -0.15
CA ARG A 258 -28.14 -18.92 -0.94
C ARG A 258 -26.61 -18.86 -1.14
N GLY A 259 -25.86 -19.01 -0.06
CA GLY A 259 -24.42 -19.18 -0.14
C GLY A 259 -23.98 -20.19 -1.19
N LYS A 260 -24.65 -21.34 -1.24
CA LYS A 260 -24.29 -22.38 -2.22
C LYS A 260 -24.53 -21.94 -3.64
N LYS A 261 -25.61 -21.18 -3.85
CA LYS A 261 -25.88 -20.67 -5.20
C LYS A 261 -24.82 -19.68 -5.59
N PHE A 262 -24.37 -18.89 -4.63
CA PHE A 262 -23.26 -17.98 -4.91
C PHE A 262 -22.00 -18.71 -5.32
N ALA A 263 -21.75 -19.81 -4.62
CA ALA A 263 -20.58 -20.61 -4.91
C ALA A 263 -20.63 -21.08 -6.36
N SER A 264 -21.75 -21.69 -6.77
CA SER A 264 -21.95 -22.08 -8.20
C SER A 264 -21.73 -20.92 -9.13
N ALA A 265 -22.26 -19.75 -8.78
CA ALA A 265 -22.10 -18.58 -9.67
C ALA A 265 -20.65 -18.10 -9.74
N LEU A 266 -19.95 -18.15 -8.60
CA LEU A 266 -18.53 -17.81 -8.54
C LEU A 266 -17.71 -18.75 -9.41
N SER A 267 -18.02 -20.02 -9.38
CA SER A 267 -17.35 -20.95 -10.28
C SER A 267 -17.60 -20.57 -11.74
N LYS A 268 -18.83 -20.17 -12.05
CA LYS A 268 -19.17 -19.81 -13.43
C LYS A 268 -18.35 -18.59 -13.79
N PHE A 269 -18.44 -17.58 -12.95
CA PHE A 269 -17.67 -16.35 -13.18
C PHE A 269 -16.17 -16.59 -13.36
N VAL A 270 -15.57 -17.46 -12.55
CA VAL A 270 -14.12 -17.68 -12.65
C VAL A 270 -13.77 -18.34 -13.95
N GLU A 271 -14.53 -19.36 -14.32
CA GLU A 271 -14.38 -20.03 -15.62
C GLU A 271 -14.33 -18.95 -16.72
N GLU A 272 -15.35 -18.09 -16.72
CA GLU A 272 -15.48 -17.04 -17.76
C GLU A 272 -14.41 -15.97 -17.75
N GLN A 273 -13.71 -15.78 -16.63
CA GLN A 273 -12.55 -14.87 -16.65
C GLN A 273 -11.38 -15.45 -17.47
N ASN A 274 -11.38 -16.77 -17.62
CA ASN A 274 -10.46 -17.43 -18.53
C ASN A 274 -8.97 -17.14 -18.23
N LEU A 275 -8.56 -17.37 -16.98
CA LEU A 275 -7.21 -17.07 -16.53
C LEU A 275 -6.41 -18.34 -16.53
N LYS A 276 -5.13 -18.26 -16.86
CA LYS A 276 -4.24 -19.39 -16.60
C LYS A 276 -3.67 -19.23 -15.18
N ASP A 277 -3.45 -20.34 -14.51
CA ASP A 277 -2.71 -20.36 -13.25
C ASP A 277 -3.26 -19.43 -12.18
N LEU A 278 -4.55 -19.61 -11.92
CA LEU A 278 -5.22 -18.86 -10.87
C LEU A 278 -4.99 -19.52 -9.53
N ARG A 279 -4.39 -18.81 -8.59
CA ARG A 279 -4.24 -19.34 -7.25
C ARG A 279 -5.47 -18.99 -6.46
N VAL A 280 -5.93 -19.89 -5.61
CA VAL A 280 -7.07 -19.65 -4.76
C VAL A 280 -6.71 -19.85 -3.30
N TRP A 281 -7.08 -18.85 -2.49
CA TRP A 281 -6.73 -18.82 -1.09
C TRP A 281 -8.00 -18.69 -0.29
N THR A 282 -8.16 -19.49 0.76
CA THR A 282 -9.28 -19.33 1.68
C THR A 282 -8.73 -19.17 3.08
N SER A 283 -9.66 -18.95 4.03
CA SER A 283 -9.41 -19.09 5.45
C SER A 283 -9.54 -20.58 5.83
N GLN A 284 -9.48 -20.85 7.14
CA GLN A 284 -9.66 -22.20 7.64
C GLN A 284 -11.08 -22.34 8.11
N LEU A 285 -11.87 -21.29 7.94
CA LEU A 285 -13.27 -21.35 8.32
C LEU A 285 -14.07 -21.98 7.20
N LYS A 286 -15.01 -22.82 7.62
CA LYS A 286 -15.79 -23.68 6.73
C LYS A 286 -16.45 -22.98 5.54
N SER A 287 -16.99 -21.79 5.78
CA SER A 287 -17.78 -21.13 4.74
C SER A 287 -16.93 -20.70 3.55
N THR A 288 -15.69 -20.27 3.79
CA THR A 288 -14.80 -19.94 2.68
C THR A 288 -14.34 -21.20 1.97
N ILE A 289 -14.13 -22.26 2.73
CA ILE A 289 -13.70 -23.53 2.14
C ILE A 289 -14.80 -24.14 1.27
N GLN A 290 -16.05 -24.18 1.76
CA GLN A 290 -17.15 -24.69 0.91
C GLN A 290 -17.27 -23.85 -0.38
N THR A 291 -17.14 -22.53 -0.23
CA THR A 291 -17.21 -21.66 -1.39
C THR A 291 -16.16 -22.05 -2.44
N ALA A 292 -14.93 -22.33 -2.00
CA ALA A 292 -13.89 -22.72 -2.93
C ALA A 292 -14.14 -24.13 -3.50
N GLU A 293 -14.79 -25.01 -2.74
CA GLU A 293 -15.07 -26.36 -3.26
C GLU A 293 -15.85 -26.32 -4.57
N ALA A 294 -16.74 -25.35 -4.70
CA ALA A 294 -17.57 -25.28 -5.91
C ALA A 294 -16.76 -24.88 -7.14
N LEU A 295 -15.53 -24.43 -6.97
CA LEU A 295 -14.75 -23.97 -8.11
C LEU A 295 -14.11 -25.13 -8.88
N ARG A 296 -13.96 -26.28 -8.24
CA ARG A 296 -13.19 -27.37 -8.81
C ARG A 296 -11.77 -26.91 -9.17
N LEU A 297 -11.12 -26.20 -8.25
CA LEU A 297 -9.73 -25.79 -8.46
C LEU A 297 -8.93 -26.07 -7.19
N PRO A 298 -7.62 -26.30 -7.34
CA PRO A 298 -6.81 -26.40 -6.13
C PRO A 298 -6.79 -25.08 -5.34
N TYR A 299 -6.88 -25.17 -4.03
CA TYR A 299 -6.88 -23.99 -3.19
C TYR A 299 -6.10 -24.29 -1.90
N GLU A 300 -5.64 -23.22 -1.24
CA GLU A 300 -4.84 -23.35 -0.02
C GLU A 300 -5.47 -22.54 1.09
N GLN A 301 -5.59 -23.12 2.28
CA GLN A 301 -6.18 -22.48 3.43
C GLN A 301 -5.12 -21.76 4.21
N TRP A 302 -5.47 -20.65 4.86
CA TRP A 302 -4.53 -19.83 5.65
C TRP A 302 -5.25 -19.40 6.89
N LYS A 303 -4.67 -19.70 8.04
CA LYS A 303 -5.24 -19.26 9.27
C LYS A 303 -5.23 -17.75 9.37
N ALA A 304 -4.27 -17.11 8.72
CA ALA A 304 -4.22 -15.64 8.70
C ALA A 304 -5.48 -14.97 8.09
N LEU A 305 -6.16 -15.65 7.17
CA LEU A 305 -7.39 -15.12 6.55
C LEU A 305 -8.65 -15.32 7.39
N ASN A 306 -8.56 -16.01 8.52
CA ASN A 306 -9.70 -16.13 9.41
C ASN A 306 -10.28 -14.80 9.85
N GLU A 307 -11.59 -14.75 10.02
CA GLU A 307 -12.25 -13.51 10.40
C GLU A 307 -11.76 -13.03 11.74
N ILE A 308 -11.80 -11.73 11.92
CA ILE A 308 -11.48 -11.10 13.18
C ILE A 308 -12.08 -11.90 14.34
N ASP A 309 -11.34 -12.00 15.43
CA ASP A 309 -11.76 -12.78 16.56
C ASP A 309 -12.47 -11.86 17.56
N ALA A 310 -13.77 -12.09 17.75
CA ALA A 310 -14.56 -11.19 18.59
C ALA A 310 -14.52 -11.53 20.08
N GLY A 311 -13.70 -12.51 20.46
CA GLY A 311 -13.46 -12.81 21.86
C GLY A 311 -14.67 -13.36 22.57
N VAL A 312 -15.07 -12.69 23.64
CA VAL A 312 -16.23 -13.13 24.40
C VAL A 312 -17.53 -12.85 23.65
N CYS A 313 -17.46 -12.09 22.57
CA CYS A 313 -18.66 -11.79 21.81
C CYS A 313 -18.92 -12.74 20.67
N GLU A 314 -18.08 -13.76 20.49
CA GLU A 314 -18.23 -14.64 19.34
C GLU A 314 -19.61 -15.29 19.40
N GLU A 315 -20.27 -15.45 18.27
CA GLU A 315 -21.56 -16.17 18.17
C GLU A 315 -22.74 -15.31 18.61
N LEU A 316 -22.48 -14.11 19.10
CA LEU A 316 -23.55 -13.19 19.50
C LEU A 316 -24.04 -12.30 18.37
N THR A 317 -25.28 -11.80 18.49
CA THR A 317 -25.83 -10.77 17.59
C THR A 317 -25.38 -9.43 18.12
N TYR A 318 -25.39 -8.42 17.26
CA TYR A 318 -25.06 -7.07 17.69
C TYR A 318 -25.95 -6.54 18.83
N GLU A 319 -27.27 -6.79 18.74
CA GLU A 319 -28.19 -6.41 19.84
C GLU A 319 -27.86 -7.15 21.13
N GLU A 320 -27.62 -8.46 21.06
CA GLU A 320 -27.07 -9.21 22.22
C GLU A 320 -25.79 -8.56 22.79
N ILE A 321 -24.91 -8.12 21.92
CA ILE A 321 -23.73 -7.43 22.38
C ILE A 321 -24.10 -6.10 23.05
N ARG A 322 -25.02 -5.34 22.46
CA ARG A 322 -25.44 -4.07 23.09
C ARG A 322 -26.13 -4.30 24.46
N ASP A 323 -26.99 -5.32 24.53
CA ASP A 323 -27.70 -5.65 25.77
C ASP A 323 -26.80 -6.20 26.86
N THR A 324 -25.79 -6.97 26.47
CA THR A 324 -24.97 -7.68 27.44
C THR A 324 -23.69 -6.92 27.78
N TYR A 325 -23.07 -6.27 26.79
CA TYR A 325 -21.86 -5.51 27.01
C TYR A 325 -22.04 -4.08 26.48
N PRO A 326 -22.94 -3.32 27.11
CA PRO A 326 -23.25 -1.97 26.59
C PRO A 326 -22.03 -1.06 26.45
N GLU A 327 -21.17 -1.01 27.47
CA GLU A 327 -19.95 -0.21 27.43
C GLU A 327 -19.05 -0.64 26.23
N GLU A 328 -18.89 -1.95 26.04
CA GLU A 328 -18.09 -2.50 24.95
C GLU A 328 -18.57 -2.13 23.54
N TYR A 329 -19.90 -2.18 23.35
CA TYR A 329 -20.56 -1.81 22.06
C TYR A 329 -20.25 -0.36 21.67
N ALA A 330 -20.43 0.52 22.64
CA ALA A 330 -20.22 1.94 22.46
C ALA A 330 -18.79 2.18 22.07
N LEU A 331 -17.87 1.64 22.87
CA LEU A 331 -16.45 1.85 22.65
C LEU A 331 -16.05 1.45 21.21
N ARG A 332 -16.60 0.35 20.73
CA ARG A 332 -16.34 -0.08 19.37
C ARG A 332 -16.82 0.95 18.33
N GLU A 333 -18.03 1.49 18.52
CA GLU A 333 -18.54 2.53 17.61
C GLU A 333 -17.74 3.83 17.68
N GLN A 334 -17.11 4.11 18.82
CA GLN A 334 -16.30 5.31 18.95
C GLN A 334 -14.88 5.22 18.38
N ASP A 335 -14.33 4.01 18.22
CA ASP A 335 -12.94 3.88 17.78
C ASP A 335 -12.72 2.49 17.23
N LYS A 336 -13.31 2.24 16.06
CA LYS A 336 -13.49 0.88 15.56
C LYS A 336 -12.23 0.21 15.00
N TYR A 337 -11.22 0.99 14.66
CA TYR A 337 -9.99 0.39 14.17
C TYR A 337 -9.12 -0.13 15.33
N TYR A 338 -9.02 0.64 16.42
CA TYR A 338 -8.13 0.33 17.54
C TYR A 338 -8.81 -0.50 18.63
N TYR A 339 -10.14 -0.46 18.67
CA TYR A 339 -10.89 -1.22 19.66
C TYR A 339 -10.60 -2.70 19.55
N ARG A 340 -10.30 -3.32 20.70
CA ARG A 340 -10.04 -4.75 20.79
C ARG A 340 -11.18 -5.40 21.53
N TYR A 341 -11.73 -6.49 21.01
CA TYR A 341 -12.78 -7.21 21.74
C TYR A 341 -12.13 -7.90 22.96
N PRO A 342 -12.86 -8.05 24.07
CA PRO A 342 -12.18 -8.73 25.19
C PRO A 342 -11.88 -10.24 24.93
N THR A 343 -10.59 -10.57 25.13
CA THR A 343 -9.99 -11.86 24.76
C THR A 343 -9.92 -12.04 23.24
N GLY A 344 -9.99 -10.93 22.52
CA GLY A 344 -10.13 -10.96 21.08
C GLY A 344 -9.27 -9.94 20.40
N GLU A 345 -9.71 -9.55 19.20
CA GLU A 345 -8.89 -8.76 18.26
C GLU A 345 -9.48 -7.38 17.86
N SER A 346 -8.58 -6.55 17.36
CA SER A 346 -8.90 -5.27 16.74
C SER A 346 -8.55 -5.35 15.26
N TYR A 347 -9.04 -4.39 14.49
CA TYR A 347 -8.62 -4.23 13.09
C TYR A 347 -7.11 -4.08 13.01
N GLN A 348 -6.54 -3.37 13.98
CA GLN A 348 -5.09 -3.24 14.05
C GLN A 348 -4.39 -4.59 14.15
N ASP A 349 -4.95 -5.51 14.94
CA ASP A 349 -4.36 -6.85 15.08
C ASP A 349 -4.44 -7.58 13.76
N LEU A 350 -5.58 -7.44 13.07
CA LEU A 350 -5.70 -8.01 11.72
C LEU A 350 -4.55 -7.68 10.75
N VAL A 351 -4.14 -6.42 10.70
CA VAL A 351 -3.09 -5.99 9.78
C VAL A 351 -1.83 -6.78 10.04
N GLN A 352 -1.49 -6.85 11.30
CA GLN A 352 -0.37 -7.62 11.79
C GLN A 352 -0.39 -9.04 11.26
N ARG A 353 -1.54 -9.72 11.30
CA ARG A 353 -1.49 -11.10 10.82
C ARG A 353 -1.72 -11.26 9.32
N LEU A 354 -2.22 -10.20 8.69
CA LEU A 354 -2.40 -10.17 7.24
C LEU A 354 -1.14 -9.71 6.47
N GLU A 355 -0.20 -9.10 7.18
CA GLU A 355 1.03 -8.66 6.51
C GLU A 355 1.69 -9.75 5.64
N PRO A 356 1.84 -10.97 6.16
CA PRO A 356 2.44 -11.97 5.28
C PRO A 356 1.54 -12.40 4.12
N VAL A 357 0.22 -12.20 4.25
CA VAL A 357 -0.69 -12.40 3.10
C VAL A 357 -0.41 -11.34 2.02
N ILE A 358 -0.34 -10.09 2.43
CA ILE A 358 0.00 -9.02 1.50
C ILE A 358 1.34 -9.27 0.80
N MET A 359 2.34 -9.68 1.58
CA MET A 359 3.65 -9.91 1.02
C MET A 359 3.59 -11.04 0.01
N GLU A 360 2.77 -12.06 0.25
CA GLU A 360 2.70 -13.16 -0.71
C GLU A 360 1.84 -12.75 -1.91
N LEU A 361 0.81 -11.93 -1.67
CA LEU A 361 0.03 -11.40 -2.77
C LEU A 361 0.91 -10.62 -3.73
N GLU A 362 1.88 -9.85 -3.23
CA GLU A 362 2.74 -9.10 -4.13
C GLU A 362 3.55 -10.00 -5.02
N ARG A 363 3.81 -11.25 -4.62
CA ARG A 363 4.60 -12.14 -5.48
C ARG A 363 3.76 -12.83 -6.55
N GLN A 364 2.45 -12.89 -6.36
CA GLN A 364 1.61 -13.71 -7.22
C GLN A 364 1.23 -13.01 -8.51
N GLU A 365 0.70 -13.78 -9.45
CA GLU A 365 0.05 -13.19 -10.60
C GLU A 365 -1.47 -13.22 -10.31
N ASN A 366 -2.20 -14.14 -10.90
CA ASN A 366 -3.61 -14.16 -10.70
C ASN A 366 -3.95 -14.88 -9.42
N VAL A 367 -4.66 -14.18 -8.51
CA VAL A 367 -5.09 -14.76 -7.24
C VAL A 367 -6.55 -14.42 -6.92
N LEU A 368 -7.25 -15.42 -6.40
CA LEU A 368 -8.57 -15.23 -5.82
C LEU A 368 -8.53 -15.54 -4.35
N VAL A 369 -8.92 -14.58 -3.54
CA VAL A 369 -8.90 -14.71 -2.12
C VAL A 369 -10.36 -14.68 -1.67
N ILE A 370 -10.78 -15.72 -0.97
CA ILE A 370 -12.12 -15.88 -0.47
C ILE A 370 -12.01 -15.80 1.04
N CYS A 371 -12.58 -14.75 1.65
CA CYS A 371 -12.34 -14.49 3.05
C CYS A 371 -13.57 -13.91 3.75
N HIS A 372 -13.40 -12.93 4.63
CA HIS A 372 -14.49 -12.52 5.52
C HIS A 372 -14.52 -11.00 5.60
N GLN A 373 -15.61 -10.46 6.12
CA GLN A 373 -15.85 -9.03 6.01
C GLN A 373 -14.68 -8.17 6.49
N ALA A 374 -14.26 -8.33 7.75
CA ALA A 374 -13.29 -7.42 8.32
C ALA A 374 -11.96 -7.65 7.65
N VAL A 375 -11.67 -8.89 7.32
CA VAL A 375 -10.41 -9.23 6.68
C VAL A 375 -10.34 -8.63 5.29
N LEU A 376 -11.43 -8.74 4.55
CA LEU A 376 -11.56 -8.09 3.24
C LEU A 376 -11.35 -6.59 3.35
N ARG A 377 -11.94 -5.95 4.35
CA ARG A 377 -11.70 -4.54 4.47
C ARG A 377 -10.23 -4.28 4.60
N CYS A 378 -9.52 -5.03 5.47
CA CYS A 378 -8.10 -4.74 5.72
CA CYS A 378 -8.10 -4.77 5.75
C CYS A 378 -7.25 -4.89 4.48
N LEU A 379 -7.53 -5.91 3.67
CA LEU A 379 -6.79 -6.13 2.44
C LEU A 379 -7.07 -5.01 1.41
N LEU A 380 -8.35 -4.64 1.33
CA LEU A 380 -8.81 -3.67 0.37
C LEU A 380 -8.20 -2.34 0.71
N ALA A 381 -8.15 -2.03 2.00
CA ALA A 381 -7.51 -0.79 2.42
C ALA A 381 -6.07 -0.70 1.93
N TYR A 382 -5.31 -1.80 1.99
CA TYR A 382 -3.94 -1.77 1.51
C TYR A 382 -3.89 -1.45 0.03
N PHE A 383 -4.76 -2.08 -0.75
CA PHE A 383 -4.68 -1.92 -2.19
C PHE A 383 -5.22 -0.57 -2.67
N LEU A 384 -6.18 -0.01 -1.94
CA LEU A 384 -6.80 1.25 -2.33
C LEU A 384 -6.29 2.41 -1.50
N ASP A 385 -5.20 2.18 -0.78
CA ASP A 385 -4.58 3.25 -0.02
C ASP A 385 -5.59 3.97 0.89
N LYS A 386 -6.33 3.21 1.69
CA LYS A 386 -7.27 3.79 2.63
C LYS A 386 -6.70 3.79 4.01
N SER A 387 -6.98 4.83 4.76
CA SER A 387 -6.46 4.99 6.10
C SER A 387 -7.12 4.06 7.13
N ALA A 388 -6.43 3.95 8.26
CA ALA A 388 -6.90 3.21 9.40
C ALA A 388 -8.32 3.63 9.82
N GLU A 389 -8.57 4.92 9.86
CA GLU A 389 -9.86 5.42 10.32
C GLU A 389 -10.98 4.90 9.41
N GLU A 390 -10.74 4.78 8.10
CA GLU A 390 -11.82 4.38 7.17
C GLU A 390 -11.89 2.88 6.87
N MET A 391 -10.79 2.18 7.15
CA MET A 391 -10.72 0.76 6.86
C MET A 391 -11.94 -0.04 7.38
N PRO A 392 -12.39 0.22 8.62
CA PRO A 392 -13.51 -0.59 9.18
C PRO A 392 -14.90 -0.33 8.62
N TYR A 393 -15.01 0.65 7.72
CA TYR A 393 -16.32 1.03 7.17
C TYR A 393 -16.35 0.84 5.64
N LEU A 394 -15.32 0.24 5.03
CA LEU A 394 -15.33 -0.03 3.60
C LEU A 394 -16.43 -1.03 3.29
N LYS A 395 -17.03 -0.96 2.11
CA LYS A 395 -18.19 -1.80 1.83
C LYS A 395 -17.74 -2.99 1.02
N CYS A 396 -17.99 -4.20 1.51
CA CYS A 396 -17.71 -5.45 0.77
C CYS A 396 -18.91 -6.33 0.88
N PRO A 397 -19.89 -6.05 0.06
CA PRO A 397 -21.10 -6.84 0.20
C PRO A 397 -20.87 -8.34 -0.07
N LEU A 398 -21.72 -9.16 0.52
CA LEU A 398 -21.82 -10.52 0.12
C LEU A 398 -22.09 -10.71 -1.38
N HIS A 399 -21.61 -11.82 -1.89
CA HIS A 399 -21.89 -12.33 -3.24
C HIS A 399 -21.42 -11.41 -4.30
N THR A 400 -20.38 -10.68 -3.94
CA THR A 400 -19.80 -9.66 -4.81
C THR A 400 -18.29 -9.83 -4.87
N VAL A 401 -17.77 -10.00 -6.09
CA VAL A 401 -16.35 -10.05 -6.39
C VAL A 401 -15.76 -8.65 -6.65
N LEU A 402 -14.58 -8.38 -6.12
CA LEU A 402 -13.87 -7.13 -6.37
C LEU A 402 -12.64 -7.47 -7.17
N LYS A 403 -12.65 -7.06 -8.44
CA LYS A 403 -11.56 -7.34 -9.35
C LYS A 403 -10.63 -6.13 -9.30
N LEU A 404 -9.40 -6.32 -8.81
CA LEU A 404 -8.42 -5.24 -8.67
C LEU A 404 -7.38 -5.43 -9.72
N THR A 405 -7.04 -4.35 -10.41
CA THR A 405 -6.04 -4.43 -11.46
C THR A 405 -5.04 -3.31 -11.22
N PRO A 406 -3.81 -3.67 -10.80
CA PRO A 406 -2.81 -2.62 -10.61
C PRO A 406 -2.54 -1.92 -11.94
N VAL A 407 -2.72 -0.61 -11.95
CA VAL A 407 -2.40 0.18 -13.13
C VAL A 407 -1.64 1.42 -12.72
N ALA A 408 -0.33 1.28 -12.59
CA ALA A 408 0.60 2.42 -12.57
C ALA A 408 0.21 3.52 -11.57
N TYR A 409 0.74 3.44 -10.37
CA TYR A 409 0.46 4.41 -9.27
C TYR A 409 -0.85 4.16 -8.52
N GLY A 410 -1.76 3.40 -9.11
CA GLY A 410 -3.07 3.20 -8.52
C GLY A 410 -3.59 1.79 -8.73
N CYS A 411 -4.91 1.67 -8.73
CA CYS A 411 -5.57 0.37 -8.79
C CYS A 411 -6.98 0.47 -9.35
N ARG A 412 -7.23 -0.12 -10.50
CA ARG A 412 -8.59 -0.18 -10.97
C ARG A 412 -9.31 -1.14 -10.02
N VAL A 413 -10.45 -0.71 -9.52
CA VAL A 413 -11.29 -1.59 -8.74
C VAL A 413 -12.58 -1.75 -9.49
N GLU A 414 -13.03 -2.98 -9.63
CA GLU A 414 -14.21 -3.25 -10.38
C GLU A 414 -15.10 -4.24 -9.62
N SER A 415 -16.30 -3.80 -9.28
CA SER A 415 -17.23 -4.64 -8.55
C SER A 415 -18.02 -5.50 -9.50
N ILE A 416 -18.21 -6.76 -9.15
CA ILE A 416 -19.02 -7.68 -9.96
C ILE A 416 -19.94 -8.53 -9.08
N TYR A 417 -21.21 -8.13 -9.02
CA TYR A 417 -22.20 -8.77 -8.17
C TYR A 417 -22.75 -9.94 -8.97
N LEU A 418 -22.88 -11.12 -8.34
CA LEU A 418 -23.21 -12.35 -9.09
C LEU A 418 -24.69 -12.79 -8.96
N ASN A 419 -25.53 -11.80 -8.67
CA ASN A 419 -26.96 -11.93 -8.81
C ASN A 419 -27.49 -13.07 -7.96
N VAL A 420 -27.02 -13.14 -6.72
CA VAL A 420 -27.58 -14.07 -5.74
C VAL A 420 -27.84 -13.28 -4.47
N GLU A 421 -29.07 -13.32 -3.99
CA GLU A 421 -29.49 -12.53 -2.85
C GLU A 421 -28.76 -12.99 -1.59
N SER A 422 -28.68 -12.07 -0.62
CA SER A 422 -28.08 -12.32 0.65
C SER A 422 -28.60 -11.29 1.63
N VAL A 423 -28.35 -11.49 2.92
CA VAL A 423 -28.50 -10.39 3.85
C VAL A 423 -27.36 -9.36 3.63
N CYS A 424 -27.49 -8.24 4.35
CA CYS A 424 -26.52 -7.17 4.36
C CYS A 424 -25.91 -7.16 5.75
N THR A 425 -24.58 -7.15 5.82
CA THR A 425 -23.87 -7.11 7.09
C THR A 425 -23.13 -5.79 7.28
N HIS A 426 -23.36 -4.84 6.36
CA HIS A 426 -22.73 -3.54 6.48
C HIS A 426 -23.40 -2.69 7.57
N ARG A 427 -22.60 -2.00 8.36
CA ARG A 427 -23.07 -1.13 9.44
C ARG A 427 -22.34 0.21 9.37
N GLU A 428 -23.08 1.29 9.12
CA GLU A 428 -22.50 2.62 8.85
C GLU A 428 -21.83 3.14 10.08
N ARG A 429 -20.94 4.10 9.91
CA ARG A 429 -20.46 4.87 11.05
C ARG A 429 -21.66 5.61 11.69
N SER A 430 -21.84 5.42 12.99
CA SER A 430 -23.02 5.95 13.69
C SER A 430 -22.75 7.30 14.37
N GLU A 431 -23.74 7.81 15.11
CA GLU A 431 -23.54 8.86 16.10
C GLU A 431 -24.80 9.02 16.96
#